data_2Q8M
#
_entry.id   2Q8M
#
_cell.length_a   124.640
_cell.length_b   124.640
_cell.length_c   132.280
_cell.angle_alpha   90.00
_cell.angle_beta   90.00
_cell.angle_gamma   90.00
#
_symmetry.space_group_name_H-M   'P 41 2 2'
#
loop_
_entity.id
_entity.type
_entity.pdbx_description
1 polymer Fructose-bisphosphatase
2 non-polymer 6-O-phosphono-beta-D-glucopyranose
3 non-polymer 1,6-di-O-phosphono-beta-D-fructofuranose
4 non-polymer 'MAGNESIUM ION'
5 non-polymer 'CHLORIDE ION'
6 non-polymer 'ADENOSINE MONOPHOSPHATE'
7 water water
#
_entity_poly.entity_id   1
_entity_poly.type   'polypeptide(L)'
_entity_poly.pdbx_seq_one_letter_code
;(MSE)KTLGEFIVEKQHEFSHATGELTALLSAIKLGAKIIHRDINKAGLVDILGASGAENVQGEVQQKLDLFANEKLKAA
LKARDIVAGIASEEEDEIVVFEGCEHAKYVVL(MSE)DPLDGSSNIDVNVSVGTIFSIYRRVTPVGTPVTEEDFLQPGNK
QVAAGYVVYGSST(MSE)LVYTTGCGVHAFTYDPSLGVFCLCQER(MSE)RFPEKGKTYSINEGNYIKFPNGVKKYIKFC
QEEDKSTNRPYTSRYIGSLVADFHRNLLKGGIYLYPSTASHPDGKLRLLYECNP(MSE)AFLAEQAGGKASDGKERILDI
IPETLHQRRSFFVGNDH(MSE)VEDVERFIREFPDA
;
_entity_poly.pdbx_strand_id   A,B
#
# COMPACT_ATOMS: atom_id res chain seq x y z
N LYS A 2 4.87 -10.99 -1.53
CA LYS A 2 4.57 -10.24 -0.31
C LYS A 2 4.96 -8.78 -0.46
N THR A 3 4.06 -7.88 -0.09
CA THR A 3 4.33 -6.45 -0.20
C THR A 3 5.02 -5.90 1.04
N LEU A 4 5.69 -4.77 0.86
CA LEU A 4 6.35 -4.12 1.97
C LEU A 4 5.27 -3.82 3.03
N GLY A 5 4.11 -3.32 2.59
CA GLY A 5 3.03 -3.03 3.51
C GLY A 5 2.63 -4.21 4.38
N GLU A 6 2.51 -5.39 3.76
CA GLU A 6 2.16 -6.61 4.49
C GLU A 6 3.29 -6.98 5.42
N PHE A 7 4.51 -6.90 4.91
CA PHE A 7 5.71 -7.25 5.67
C PHE A 7 5.84 -6.46 6.97
N ILE A 8 5.70 -5.14 6.86
CA ILE A 8 5.80 -4.28 8.03
C ILE A 8 4.80 -4.70 9.10
N VAL A 9 3.56 -4.98 8.70
CA VAL A 9 2.53 -5.37 9.64
C VAL A 9 2.86 -6.73 10.27
N GLU A 10 3.33 -7.68 9.47
CA GLU A 10 3.69 -8.99 9.99
C GLU A 10 4.77 -8.89 11.06
N LYS A 11 5.74 -8.01 10.84
CA LYS A 11 6.80 -7.84 11.84
C LYS A 11 6.23 -7.19 13.08
N GLN A 12 5.30 -6.25 12.91
CA GLN A 12 4.70 -5.59 14.07
C GLN A 12 4.03 -6.65 14.95
N HIS A 13 3.34 -7.60 14.33
CA HIS A 13 2.63 -8.62 15.08
C HIS A 13 3.51 -9.58 15.88
N GLU A 14 4.81 -9.47 15.74
CA GLU A 14 5.72 -10.31 16.52
C GLU A 14 5.88 -9.65 17.90
N PHE A 15 5.41 -8.40 17.99
CA PHE A 15 5.46 -7.63 19.23
C PHE A 15 4.02 -7.41 19.67
N SER A 16 3.50 -8.28 20.53
CA SER A 16 2.12 -8.18 20.99
C SER A 16 1.79 -6.85 21.65
N HIS A 17 2.80 -6.17 22.20
CA HIS A 17 2.54 -4.90 22.85
C HIS A 17 2.79 -3.67 21.98
N ALA A 18 3.07 -3.88 20.69
CA ALA A 18 3.30 -2.75 19.79
C ALA A 18 1.99 -2.00 19.62
N THR A 19 2.08 -0.68 19.46
CA THR A 19 0.88 0.13 19.32
C THR A 19 0.58 0.50 17.88
N GLY A 20 1.53 0.23 16.99
CA GLY A 20 1.33 0.56 15.59
C GLY A 20 1.94 1.90 15.22
N GLU A 21 2.60 2.56 16.17
CA GLU A 21 3.20 3.86 15.88
C GLU A 21 4.41 3.72 14.94
N LEU A 22 5.25 2.72 15.17
CA LEU A 22 6.42 2.52 14.32
C LEU A 22 5.97 2.07 12.93
N THR A 23 4.95 1.21 12.90
CA THR A 23 4.42 0.72 11.63
C THR A 23 3.92 1.90 10.80
N ALA A 24 3.18 2.80 11.45
CA ALA A 24 2.64 3.98 10.78
C ALA A 24 3.78 4.84 10.23
N LEU A 25 4.86 4.96 10.98
CA LEU A 25 6.01 5.75 10.54
C LEU A 25 6.70 5.13 9.32
N LEU A 26 6.95 3.82 9.37
CA LEU A 26 7.58 3.13 8.26
C LEU A 26 6.70 3.18 7.02
N SER A 27 5.39 3.07 7.24
CA SER A 27 4.43 3.13 6.15
C SER A 27 4.44 4.51 5.50
N ALA A 28 4.58 5.56 6.32
CA ALA A 28 4.59 6.92 5.79
C ALA A 28 5.87 7.15 4.98
N ILE A 29 6.97 6.55 5.44
CA ILE A 29 8.24 6.69 4.76
C ILE A 29 8.20 6.05 3.38
N LYS A 30 7.57 4.88 3.28
CA LYS A 30 7.49 4.20 2.00
C LYS A 30 6.59 5.01 1.04
N LEU A 31 5.57 5.67 1.57
CA LEU A 31 4.70 6.51 0.72
C LEU A 31 5.55 7.67 0.21
N GLY A 32 6.35 8.25 1.09
CA GLY A 32 7.22 9.35 0.70
C GLY A 32 8.15 8.89 -0.41
N ALA A 33 8.63 7.66 -0.31
CA ALA A 33 9.53 7.09 -1.32
C ALA A 33 8.84 6.99 -2.67
N LYS A 34 7.56 6.61 -2.68
CA LYS A 34 6.82 6.49 -3.93
C LYS A 34 6.66 7.86 -4.57
N ILE A 35 6.47 8.87 -3.73
CA ILE A 35 6.29 10.22 -4.23
C ILE A 35 7.58 10.71 -4.89
N ILE A 36 8.70 10.51 -4.20
CA ILE A 36 9.99 10.92 -4.73
C ILE A 36 10.27 10.17 -6.03
N HIS A 37 9.99 8.87 -6.02
CA HIS A 37 10.20 8.02 -7.18
C HIS A 37 9.49 8.61 -8.39
N ARG A 38 8.23 9.00 -8.20
CA ARG A 38 7.44 9.58 -9.27
C ARG A 38 8.08 10.82 -9.87
N ASP A 39 8.47 11.76 -9.02
CA ASP A 39 9.07 13.00 -9.50
C ASP A 39 10.42 12.79 -10.17
N ILE A 40 11.23 11.88 -9.64
CA ILE A 40 12.54 11.60 -10.22
C ILE A 40 12.39 11.02 -11.62
N ASN A 41 11.46 10.09 -11.79
CA ASN A 41 11.24 9.45 -13.07
C ASN A 41 10.58 10.36 -14.11
N LYS A 42 10.47 11.64 -13.80
CA LYS A 42 9.89 12.60 -14.73
C LYS A 42 10.59 13.95 -14.64
N ALA A 43 11.92 13.93 -14.71
CA ALA A 43 12.72 15.15 -14.67
C ALA A 43 12.65 15.82 -16.03
N GLY A 44 12.26 17.09 -16.05
CA GLY A 44 12.14 17.80 -17.30
C GLY A 44 10.76 17.55 -17.90
N LEU A 45 10.22 16.37 -17.60
CA LEU A 45 8.90 15.99 -18.10
C LEU A 45 7.83 16.64 -17.23
N PHE A 68 12.12 20.24 -2.76
CA PHE A 68 10.93 19.40 -3.07
C PHE A 68 10.95 18.09 -2.30
N ALA A 69 11.88 17.21 -2.65
CA ALA A 69 12.01 15.92 -1.97
C ALA A 69 12.02 16.15 -0.47
N ASN A 70 12.76 17.16 -0.03
CA ASN A 70 12.87 17.50 1.38
C ASN A 70 11.49 17.78 1.97
N GLU A 71 10.72 18.66 1.34
CA GLU A 71 9.39 18.99 1.83
C GLU A 71 8.46 17.80 1.68
N LYS A 72 8.59 17.08 0.57
CA LYS A 72 7.76 15.91 0.32
C LYS A 72 7.78 14.96 1.51
N LEU A 73 8.97 14.64 2.00
CA LEU A 73 9.09 13.74 3.14
C LEU A 73 8.63 14.40 4.43
N LYS A 74 9.02 15.66 4.62
CA LYS A 74 8.61 16.38 5.83
C LYS A 74 7.11 16.51 5.88
N ALA A 75 6.53 17.09 4.82
CA ALA A 75 5.09 17.29 4.74
C ALA A 75 4.36 15.96 4.89
N ALA A 76 4.75 14.97 4.09
CA ALA A 76 4.13 13.65 4.13
C ALA A 76 4.13 13.09 5.54
N LEU A 77 5.23 13.28 6.25
CA LEU A 77 5.36 12.79 7.62
C LEU A 77 4.65 13.69 8.63
N LYS A 78 4.78 15.01 8.45
CA LYS A 78 4.13 15.95 9.36
C LYS A 78 2.62 15.89 9.24
N ALA A 79 2.13 15.89 8.00
CA ALA A 79 0.70 15.84 7.74
C ALA A 79 0.06 14.57 8.28
N ARG A 80 0.88 13.67 8.81
CA ARG A 80 0.36 12.42 9.34
C ARG A 80 0.50 12.26 10.85
N ASP A 81 0.96 13.31 11.53
CA ASP A 81 1.12 13.27 12.98
C ASP A 81 1.70 11.89 13.34
N ILE A 82 2.91 11.64 12.86
CA ILE A 82 3.55 10.35 13.08
C ILE A 82 4.93 10.38 13.71
N VAL A 83 5.59 11.53 13.69
CA VAL A 83 6.93 11.62 14.26
C VAL A 83 7.05 12.90 15.09
N ALA A 84 7.82 12.83 16.18
CA ALA A 84 8.00 13.97 17.05
C ALA A 84 8.77 15.10 16.37
N GLY A 85 9.77 14.71 15.57
CA GLY A 85 10.57 15.72 14.89
C GLY A 85 11.46 15.09 13.83
N ILE A 86 12.04 15.94 12.99
CA ILE A 86 12.91 15.46 11.92
C ILE A 86 14.12 16.36 11.74
N ALA A 87 15.26 15.73 11.48
CA ALA A 87 16.49 16.45 11.22
C ALA A 87 16.86 16.06 9.79
N SER A 88 16.90 17.06 8.91
CA SER A 88 17.22 16.82 7.50
C SER A 88 18.64 17.27 7.20
N GLU A 89 19.35 16.41 6.46
CA GLU A 89 20.73 16.65 6.07
C GLU A 89 21.04 18.09 5.66
N GLU A 90 20.15 18.70 4.89
CA GLU A 90 20.38 20.09 4.48
C GLU A 90 20.24 21.02 5.68
N GLU A 91 18.99 21.26 6.06
CA GLU A 91 18.65 22.14 7.18
C GLU A 91 19.64 22.08 8.34
N ASP A 92 20.07 23.26 8.79
CA ASP A 92 21.03 23.37 9.89
C ASP A 92 20.41 23.04 11.24
N GLU A 93 19.09 23.07 11.32
CA GLU A 93 18.41 22.77 12.58
C GLU A 93 17.26 21.79 12.42
N ILE A 94 16.91 21.12 13.51
CA ILE A 94 15.83 20.14 13.52
C ILE A 94 14.50 20.80 13.18
N VAL A 95 13.49 19.98 12.98
CA VAL A 95 12.14 20.45 12.66
C VAL A 95 11.19 19.80 13.65
N VAL A 96 10.61 20.61 14.52
CA VAL A 96 9.66 20.11 15.50
C VAL A 96 8.27 20.11 14.89
N PHE A 97 7.65 18.94 14.84
CA PHE A 97 6.29 18.88 14.28
C PHE A 97 5.26 19.25 15.33
N GLU A 98 4.55 20.34 15.05
CA GLU A 98 3.52 20.86 15.93
C GLU A 98 2.35 19.88 16.00
N GLY A 99 1.91 19.55 17.20
CA GLY A 99 0.82 18.62 17.36
C GLY A 99 1.29 17.18 17.46
N CYS A 100 2.58 16.96 17.25
CA CYS A 100 3.16 15.63 17.33
C CYS A 100 4.13 15.52 18.52
N GLU A 101 3.94 16.38 19.51
CA GLU A 101 4.79 16.35 20.70
C GLU A 101 4.57 15.03 21.42
N HIS A 102 3.40 14.43 21.20
CA HIS A 102 3.06 13.17 21.86
C HIS A 102 3.66 11.95 21.16
N ALA A 103 4.41 12.18 20.07
CA ALA A 103 5.03 11.07 19.34
C ALA A 103 6.35 10.71 20.02
N LYS A 104 6.76 9.45 19.92
CA LYS A 104 8.00 9.01 20.56
C LYS A 104 9.20 8.81 19.66
N TYR A 105 9.02 8.83 18.34
CA TYR A 105 10.13 8.64 17.43
C TYR A 105 10.57 9.92 16.74
N VAL A 106 11.86 9.98 16.43
CA VAL A 106 12.42 11.11 15.70
C VAL A 106 13.10 10.50 14.47
N VAL A 107 13.16 11.27 13.40
CA VAL A 107 13.78 10.78 12.19
C VAL A 107 14.87 11.71 11.68
N LEU A 108 15.98 11.13 11.27
CA LEU A 108 17.07 11.89 10.69
C LEU A 108 17.07 11.41 9.24
N ASP A 110 18.23 12.03 4.81
CA ASP A 110 18.97 12.59 3.70
C ASP A 110 17.97 12.33 2.58
N PRO A 111 17.00 13.25 2.40
CA PRO A 111 15.97 13.13 1.37
C PRO A 111 16.48 12.79 -0.03
N LEU A 112 17.58 13.42 -0.42
CA LEU A 112 18.15 13.18 -1.73
C LEU A 112 19.66 13.04 -1.64
N ASP A 113 20.13 11.81 -1.60
CA ASP A 113 21.56 11.51 -1.52
C ASP A 113 22.11 11.47 -2.94
N GLY A 114 23.27 12.09 -3.15
CA GLY A 114 23.87 12.13 -4.47
C GLY A 114 23.12 13.12 -5.34
N SER A 115 22.58 14.16 -4.71
CA SER A 115 21.80 15.19 -5.39
C SER A 115 22.35 15.54 -6.78
N SER A 116 23.64 15.76 -6.88
CA SER A 116 24.30 16.10 -8.14
C SER A 116 23.85 15.21 -9.31
N ASN A 117 23.81 13.90 -9.08
CA ASN A 117 23.43 12.93 -10.11
C ASN A 117 22.05 13.14 -10.72
N ILE A 118 21.17 13.85 -10.03
CA ILE A 118 19.82 14.06 -10.54
C ILE A 118 19.80 14.74 -11.91
N ASP A 119 20.67 15.73 -12.12
CA ASP A 119 20.71 16.44 -13.39
C ASP A 119 21.31 15.64 -14.53
N VAL A 120 21.91 14.50 -14.23
CA VAL A 120 22.52 13.67 -15.25
C VAL A 120 21.91 12.29 -15.40
N ASN A 121 20.70 12.12 -14.92
CA ASN A 121 19.95 10.87 -15.03
C ASN A 121 20.65 9.67 -14.37
N VAL A 122 21.49 9.92 -13.38
CA VAL A 122 22.20 8.83 -12.70
C VAL A 122 21.52 8.49 -11.37
N SER A 123 21.84 7.32 -10.83
CA SER A 123 21.26 6.86 -9.58
C SER A 123 21.40 7.85 -8.42
N VAL A 124 20.34 7.94 -7.63
CA VAL A 124 20.30 8.79 -6.45
C VAL A 124 19.55 7.98 -5.39
N GLY A 125 19.45 8.50 -4.17
CA GLY A 125 18.75 7.75 -3.15
C GLY A 125 18.29 8.58 -1.96
N THR A 126 17.55 7.93 -1.08
CA THR A 126 17.04 8.55 0.13
C THR A 126 17.52 7.70 1.31
N ILE A 127 17.98 8.36 2.38
CA ILE A 127 18.44 7.63 3.55
C ILE A 127 17.62 8.06 4.76
N PHE A 128 17.27 7.12 5.63
CA PHE A 128 16.53 7.48 6.84
C PHE A 128 17.02 6.70 8.05
N SER A 129 16.89 7.33 9.21
CA SER A 129 17.32 6.75 10.48
C SER A 129 16.24 7.08 11.51
N ILE A 130 15.84 6.08 12.28
CA ILE A 130 14.80 6.27 13.30
C ILE A 130 15.33 5.97 14.71
N TYR A 131 15.03 6.87 15.64
CA TYR A 131 15.43 6.72 17.04
C TYR A 131 14.23 6.95 17.93
N ARG A 132 14.25 6.33 19.10
CA ARG A 132 13.22 6.56 20.09
C ARG A 132 13.78 7.81 20.80
N ARG A 133 12.95 8.82 20.99
CA ARG A 133 13.41 10.05 21.64
C ARG A 133 13.83 9.78 23.08
N VAL A 134 14.67 10.66 23.63
CA VAL A 134 15.10 10.52 25.03
C VAL A 134 14.36 11.54 25.90
N THR A 135 13.90 12.64 25.32
CA THR A 135 13.17 13.64 26.08
C THR A 135 11.75 13.10 26.34
N PRO A 136 11.06 13.61 27.38
CA PRO A 136 9.71 13.09 27.62
C PRO A 136 8.67 13.32 26.52
N VAL A 137 7.86 12.30 26.27
CA VAL A 137 6.81 12.39 25.27
C VAL A 137 5.83 13.46 25.77
N GLY A 138 5.33 14.28 24.86
CA GLY A 138 4.40 15.32 25.25
C GLY A 138 5.06 16.70 25.22
N THR A 139 6.38 16.72 25.17
CA THR A 139 7.14 17.98 25.13
C THR A 139 7.83 18.06 23.78
N PRO A 140 8.39 19.23 23.44
CA PRO A 140 9.06 19.36 22.14
C PRO A 140 10.43 18.65 22.14
N VAL A 141 10.78 18.03 21.02
CA VAL A 141 12.06 17.35 20.92
C VAL A 141 13.17 18.39 20.91
N THR A 142 14.36 17.97 21.29
CA THR A 142 15.52 18.86 21.31
C THR A 142 16.66 18.17 20.56
N GLU A 143 17.76 18.88 20.36
CA GLU A 143 18.91 18.31 19.67
C GLU A 143 19.40 17.05 20.37
N GLU A 144 19.11 16.94 21.67
CA GLU A 144 19.52 15.78 22.44
C GLU A 144 18.89 14.49 21.88
N ASP A 145 17.67 14.59 21.37
CA ASP A 145 17.00 13.42 20.81
C ASP A 145 17.65 12.99 19.50
N PHE A 146 18.35 13.92 18.86
CA PHE A 146 19.00 13.66 17.58
C PHE A 146 20.51 13.42 17.67
N LEU A 147 21.08 13.51 18.86
CA LEU A 147 22.51 13.32 19.05
C LEU A 147 22.86 11.99 19.70
N GLN A 148 21.97 11.01 19.61
CA GLN A 148 22.24 9.71 20.21
C GLN A 148 23.21 8.92 19.33
N PRO A 149 23.97 8.00 19.93
CA PRO A 149 24.92 7.20 19.15
C PRO A 149 24.17 6.24 18.24
N GLY A 150 24.79 5.91 17.12
CA GLY A 150 24.16 5.02 16.15
C GLY A 150 23.64 3.71 16.70
N ASN A 151 24.23 3.22 17.79
CA ASN A 151 23.78 1.95 18.34
C ASN A 151 22.40 2.05 18.99
N LYS A 152 21.83 3.25 19.02
CA LYS A 152 20.50 3.41 19.60
C LYS A 152 19.40 3.39 18.53
N GLN A 153 19.78 3.33 17.25
CA GLN A 153 18.79 3.32 16.18
C GLN A 153 17.76 2.23 16.31
N VAL A 154 16.50 2.60 16.07
CA VAL A 154 15.38 1.69 16.12
C VAL A 154 15.25 1.07 14.72
N ALA A 155 15.59 1.86 13.71
CA ALA A 155 15.52 1.39 12.35
C ALA A 155 16.33 2.32 11.46
N ALA A 156 16.66 1.84 10.26
CA ALA A 156 17.42 2.60 9.28
C ALA A 156 17.16 1.96 7.93
N GLY A 157 17.27 2.75 6.87
CA GLY A 157 17.04 2.21 5.55
C GLY A 157 17.33 3.22 4.46
N TYR A 158 17.26 2.79 3.21
CA TYR A 158 17.47 3.69 2.10
C TYR A 158 16.58 3.26 0.95
N VAL A 159 16.44 4.16 0.00
CA VAL A 159 15.67 3.89 -1.20
C VAL A 159 16.63 4.29 -2.30
N VAL A 160 16.86 3.39 -3.25
CA VAL A 160 17.75 3.68 -4.36
C VAL A 160 16.90 3.84 -5.62
N TYR A 161 17.00 4.99 -6.26
CA TYR A 161 16.25 5.26 -7.48
C TYR A 161 17.19 5.21 -8.67
N GLY A 162 17.19 4.10 -9.40
CA GLY A 162 18.07 3.96 -10.56
C GLY A 162 17.30 3.39 -11.73
N SER A 163 17.92 2.51 -12.50
CA SER A 163 17.24 1.87 -13.64
C SER A 163 15.88 1.40 -13.13
N SER A 164 15.89 0.92 -11.90
CA SER A 164 14.69 0.46 -11.21
C SER A 164 14.85 0.92 -9.77
N THR A 165 13.79 0.82 -8.97
CA THR A 165 13.84 1.27 -7.58
C THR A 165 13.73 0.14 -6.56
N LEU A 167 13.77 -0.52 -2.04
CA LEU A 167 13.75 0.05 -0.70
C LEU A 167 14.38 -1.04 0.16
N VAL A 168 15.32 -0.64 1.00
CA VAL A 168 16.04 -1.59 1.86
C VAL A 168 16.08 -1.04 3.29
N TYR A 169 15.72 -1.86 4.27
CA TYR A 169 15.74 -1.38 5.66
C TYR A 169 15.95 -2.48 6.71
N THR A 170 16.17 -2.07 7.94
CA THR A 170 16.39 -2.99 9.05
C THR A 170 15.86 -2.39 10.34
N THR A 171 15.53 -3.26 11.30
CA THR A 171 15.08 -2.83 12.62
C THR A 171 15.89 -3.63 13.63
N GLY A 172 16.98 -4.23 13.17
CA GLY A 172 17.83 -5.00 14.06
C GLY A 172 17.73 -6.52 13.88
N CYS A 173 16.91 -6.98 12.95
CA CYS A 173 16.78 -8.42 12.71
C CYS A 173 17.00 -8.74 11.24
N GLY A 174 18.09 -8.20 10.70
CA GLY A 174 18.40 -8.45 9.30
C GLY A 174 18.04 -7.29 8.38
N VAL A 175 18.49 -7.39 7.14
CA VAL A 175 18.24 -6.36 6.14
C VAL A 175 17.16 -6.86 5.17
N HIS A 176 16.01 -6.17 5.17
CA HIS A 176 14.89 -6.52 4.30
C HIS A 176 14.96 -5.69 3.02
N ALA A 177 14.95 -6.37 1.88
CA ALA A 177 15.04 -5.71 0.58
C ALA A 177 13.78 -5.87 -0.26
N PHE A 178 13.31 -4.77 -0.82
CA PHE A 178 12.10 -4.76 -1.65
C PHE A 178 12.33 -4.07 -2.99
N THR A 179 11.66 -4.56 -4.03
CA THR A 179 11.76 -3.98 -5.36
C THR A 179 10.41 -3.37 -5.72
N TYR A 180 10.42 -2.13 -6.20
CA TYR A 180 9.19 -1.47 -6.57
C TYR A 180 8.65 -2.03 -7.89
N ASP A 181 7.37 -2.39 -7.89
CA ASP A 181 6.74 -2.93 -9.09
C ASP A 181 5.85 -1.82 -9.65
N PRO A 182 6.34 -1.09 -10.67
CA PRO A 182 5.55 -0.01 -11.27
C PRO A 182 4.16 -0.46 -11.73
N SER A 183 4.06 -1.64 -12.33
CA SER A 183 2.78 -2.13 -12.80
C SER A 183 1.75 -2.29 -11.69
N LEU A 184 2.21 -2.50 -10.45
CA LEU A 184 1.29 -2.65 -9.33
C LEU A 184 1.31 -1.48 -8.37
N GLY A 185 2.38 -0.69 -8.42
CA GLY A 185 2.49 0.45 -7.53
C GLY A 185 2.77 0.06 -6.09
N VAL A 186 3.53 -1.01 -5.89
CA VAL A 186 3.87 -1.46 -4.54
C VAL A 186 5.27 -2.05 -4.49
N PHE A 187 5.84 -2.06 -3.30
CA PHE A 187 7.18 -2.62 -3.08
C PHE A 187 6.98 -4.10 -2.76
N CYS A 188 7.66 -4.98 -3.49
CA CYS A 188 7.54 -6.41 -3.28
C CYS A 188 8.80 -7.00 -2.65
N LEU A 189 8.60 -7.87 -1.67
CA LEU A 189 9.73 -8.50 -0.98
C LEU A 189 10.65 -9.22 -1.96
N CYS A 190 11.94 -8.89 -1.88
CA CYS A 190 12.97 -9.47 -2.72
C CYS A 190 13.75 -10.47 -1.86
N GLN A 191 14.26 -10.00 -0.72
CA GLN A 191 15.01 -10.82 0.21
C GLN A 191 14.69 -10.42 1.65
N GLU A 192 14.28 -11.38 2.47
CA GLU A 192 13.95 -11.10 3.86
C GLU A 192 15.21 -10.77 4.65
N ARG A 193 16.33 -11.41 4.31
CA ARG A 193 17.59 -11.15 4.99
C ARG A 193 18.74 -11.04 4.00
N ARG A 195 22.32 -10.18 2.61
CA ARG A 195 23.63 -10.24 3.25
C ARG A 195 24.75 -10.02 2.22
N PHE A 196 25.88 -9.47 2.67
CA PHE A 196 27.00 -9.27 1.76
C PHE A 196 27.45 -10.65 1.31
N PRO A 197 28.00 -10.76 0.09
CA PRO A 197 28.45 -12.11 -0.30
C PRO A 197 29.71 -12.38 0.53
N GLU A 198 30.15 -13.64 0.55
CA GLU A 198 31.31 -14.06 1.32
C GLU A 198 32.54 -13.16 1.16
N LYS A 199 32.83 -12.75 -0.06
CA LYS A 199 33.99 -11.90 -0.32
C LYS A 199 33.62 -10.75 -1.25
N GLY A 200 34.42 -9.69 -1.24
CA GLY A 200 34.15 -8.56 -2.10
C GLY A 200 35.38 -8.29 -2.97
N LYS A 201 35.18 -7.63 -4.11
CA LYS A 201 36.30 -7.33 -4.99
C LYS A 201 36.11 -6.03 -5.74
N THR A 202 35.40 -5.10 -5.11
CA THR A 202 35.14 -3.78 -5.67
C THR A 202 35.39 -2.75 -4.59
N TYR A 203 36.10 -1.68 -4.92
CA TYR A 203 36.33 -0.60 -3.96
C TYR A 203 35.79 0.68 -4.59
N SER A 204 35.11 1.49 -3.79
CA SER A 204 34.50 2.73 -4.26
C SER A 204 35.02 3.94 -3.50
N ILE A 205 35.76 4.79 -4.18
CA ILE A 205 36.32 5.97 -3.54
C ILE A 205 36.58 7.03 -4.63
N ASN A 206 36.52 8.30 -4.25
CA ASN A 206 36.78 9.38 -5.19
C ASN A 206 38.26 9.72 -5.12
N GLU A 207 39.04 9.13 -6.02
CA GLU A 207 40.48 9.36 -6.04
C GLU A 207 40.89 10.77 -6.46
N GLY A 208 39.91 11.60 -6.82
CA GLY A 208 40.22 12.96 -7.19
C GLY A 208 40.84 13.66 -5.99
N ASN A 209 40.43 13.25 -4.79
CA ASN A 209 40.95 13.82 -3.55
C ASN A 209 42.16 13.06 -3.01
N TYR A 210 42.85 12.33 -3.87
CA TYR A 210 43.99 11.51 -3.47
C TYR A 210 45.09 12.16 -2.64
N ILE A 211 45.56 13.32 -3.10
CA ILE A 211 46.64 14.04 -2.44
C ILE A 211 46.75 14.01 -0.92
N LYS A 212 45.67 14.37 -0.23
CA LYS A 212 45.71 14.37 1.23
C LYS A 212 45.03 13.17 1.87
N PHE A 213 44.88 12.08 1.11
CA PHE A 213 44.29 10.87 1.66
C PHE A 213 45.23 10.41 2.77
N PRO A 214 44.71 9.77 3.83
CA PRO A 214 45.64 9.32 4.87
C PRO A 214 46.57 8.26 4.28
N ASN A 215 47.77 8.14 4.83
CA ASN A 215 48.75 7.16 4.33
C ASN A 215 48.18 5.75 4.24
N GLY A 216 47.38 5.35 5.22
CA GLY A 216 46.79 4.02 5.20
C GLY A 216 45.86 3.79 4.01
N VAL A 217 45.10 4.81 3.64
CA VAL A 217 44.17 4.67 2.53
C VAL A 217 44.96 4.55 1.22
N LYS A 218 46.02 5.35 1.09
CA LYS A 218 46.84 5.27 -0.11
C LYS A 218 47.44 3.87 -0.21
N LYS A 219 47.88 3.35 0.93
CA LYS A 219 48.47 2.02 0.97
C LYS A 219 47.43 0.95 0.61
N TYR A 220 46.22 1.12 1.10
CA TYR A 220 45.14 0.17 0.81
C TYR A 220 44.84 0.14 -0.69
N ILE A 221 44.77 1.32 -1.30
CA ILE A 221 44.49 1.41 -2.73
C ILE A 221 45.58 0.62 -3.50
N LYS A 222 46.83 0.77 -3.08
CA LYS A 222 47.95 0.06 -3.71
C LYS A 222 47.65 -1.44 -3.60
N PHE A 223 47.27 -1.86 -2.41
CA PHE A 223 46.93 -3.25 -2.12
C PHE A 223 45.85 -3.73 -3.10
N CYS A 224 44.82 -2.91 -3.30
CA CYS A 224 43.71 -3.23 -4.19
C CYS A 224 44.15 -3.42 -5.64
N GLN A 225 45.24 -2.76 -6.02
CA GLN A 225 45.73 -2.82 -7.40
C GLN A 225 46.78 -3.88 -7.69
N GLU A 226 47.22 -4.60 -6.67
CA GLU A 226 48.24 -5.64 -6.85
C GLU A 226 47.65 -6.81 -7.63
N GLU A 227 48.52 -7.56 -8.30
CA GLU A 227 48.09 -8.71 -9.07
C GLU A 227 48.21 -9.95 -8.17
N ASP A 228 47.08 -10.59 -7.89
CA ASP A 228 47.06 -11.77 -7.03
C ASP A 228 45.72 -12.49 -7.12
N LYS A 229 45.59 -13.35 -8.12
CA LYS A 229 44.36 -14.10 -8.37
C LYS A 229 43.82 -14.82 -7.15
N SER A 230 44.72 -15.35 -6.32
CA SER A 230 44.30 -16.08 -5.14
C SER A 230 43.38 -15.27 -4.24
N THR A 231 43.51 -13.95 -4.27
CA THR A 231 42.65 -13.09 -3.45
C THR A 231 41.77 -12.15 -4.28
N ASN A 232 41.51 -12.53 -5.52
CA ASN A 232 40.66 -11.74 -6.42
C ASN A 232 41.18 -10.35 -6.73
N ARG A 233 42.50 -10.18 -6.70
CA ARG A 233 43.10 -8.89 -6.99
C ARG A 233 43.81 -8.95 -8.35
N PRO A 234 43.90 -7.80 -9.04
CA PRO A 234 43.39 -6.48 -8.65
C PRO A 234 41.87 -6.36 -8.58
N TYR A 235 41.40 -5.56 -7.64
CA TYR A 235 39.97 -5.32 -7.48
C TYR A 235 39.52 -4.39 -8.62
N THR A 236 38.22 -4.27 -8.79
CA THR A 236 37.69 -3.36 -9.81
C THR A 236 37.16 -2.16 -9.06
N SER A 237 37.21 -0.97 -9.65
CA SER A 237 36.70 0.20 -8.96
C SER A 237 35.40 0.67 -9.58
N ARG A 238 34.53 1.22 -8.73
CA ARG A 238 33.24 1.74 -9.14
C ARG A 238 32.90 2.87 -8.18
N TYR A 239 32.51 4.02 -8.72
CA TYR A 239 32.14 5.16 -7.89
C TYR A 239 31.08 5.99 -8.63
N ILE A 240 29.81 5.70 -8.31
CA ILE A 240 28.67 6.39 -8.93
C ILE A 240 28.54 7.85 -8.46
N GLY A 241 28.93 8.13 -7.22
CA GLY A 241 28.83 9.49 -6.72
C GLY A 241 27.65 9.65 -5.79
N SER A 242 26.95 8.54 -5.58
CA SER A 242 25.80 8.49 -4.67
C SER A 242 26.10 7.42 -3.64
N LEU A 243 26.19 7.83 -2.37
CA LEU A 243 26.47 6.89 -1.28
C LEU A 243 25.52 5.70 -1.37
N VAL A 244 24.23 6.00 -1.49
CA VAL A 244 23.20 4.97 -1.57
C VAL A 244 23.42 3.99 -2.71
N ALA A 245 23.66 4.51 -3.91
CA ALA A 245 23.86 3.64 -5.07
C ALA A 245 25.11 2.77 -4.95
N ASP A 246 26.22 3.37 -4.52
CA ASP A 246 27.46 2.61 -4.37
C ASP A 246 27.31 1.59 -3.25
N PHE A 247 26.69 1.99 -2.15
CA PHE A 247 26.47 1.11 -1.02
C PHE A 247 25.64 -0.08 -1.48
N HIS A 248 24.55 0.22 -2.18
CA HIS A 248 23.63 -0.79 -2.68
C HIS A 248 24.33 -1.82 -3.57
N ARG A 249 25.14 -1.35 -4.51
CA ARG A 249 25.87 -2.26 -5.40
C ARG A 249 26.81 -3.15 -4.58
N ASN A 250 27.52 -2.55 -3.64
CA ASN A 250 28.47 -3.30 -2.81
C ASN A 250 27.77 -4.34 -1.93
N LEU A 251 26.57 -4.03 -1.46
CA LEU A 251 25.81 -4.97 -0.64
C LEU A 251 25.39 -6.18 -1.49
N LEU A 252 24.92 -5.92 -2.71
CA LEU A 252 24.48 -6.98 -3.61
C LEU A 252 25.60 -7.83 -4.21
N LYS A 253 26.72 -7.20 -4.57
CA LYS A 253 27.81 -7.92 -5.21
C LYS A 253 29.09 -8.03 -4.39
N GLY A 254 29.11 -7.36 -3.23
CA GLY A 254 30.30 -7.38 -2.40
C GLY A 254 31.17 -6.18 -2.72
N GLY A 255 31.79 -5.58 -1.71
CA GLY A 255 32.64 -4.44 -1.98
C GLY A 255 32.78 -3.52 -0.79
N ILE A 256 33.49 -2.42 -1.00
CA ILE A 256 33.70 -1.46 0.07
C ILE A 256 33.63 -0.03 -0.46
N TYR A 257 33.03 0.85 0.34
CA TYR A 257 32.88 2.25 0.02
C TYR A 257 33.79 2.99 0.99
N LEU A 258 34.54 3.96 0.47
CA LEU A 258 35.44 4.72 1.32
C LEU A 258 35.36 6.23 1.12
N TYR A 259 35.24 6.96 2.22
CA TYR A 259 35.28 8.42 2.16
C TYR A 259 36.08 8.83 3.39
N PRO A 260 37.41 8.93 3.23
CA PRO A 260 38.34 9.32 4.29
C PRO A 260 38.45 10.83 4.40
N SER A 261 39.35 11.27 5.27
CA SER A 261 39.58 12.70 5.42
C SER A 261 40.30 13.10 4.14
N THR A 262 40.09 14.34 3.71
CA THR A 262 40.71 14.85 2.49
C THR A 262 41.07 16.32 2.75
N ALA A 263 41.74 16.94 1.79
CA ALA A 263 42.12 18.35 1.92
C ALA A 263 40.90 19.24 2.12
N SER A 264 39.84 18.95 1.37
CA SER A 264 38.59 19.72 1.44
C SER A 264 37.76 19.40 2.67
N HIS A 265 37.90 18.18 3.18
CA HIS A 265 37.15 17.76 4.36
C HIS A 265 38.07 16.99 5.29
N PRO A 266 38.84 17.71 6.13
CA PRO A 266 39.79 17.12 7.09
C PRO A 266 39.19 16.10 8.04
N ASP A 267 37.89 16.19 8.29
CA ASP A 267 37.22 15.26 9.20
C ASP A 267 36.36 14.26 8.42
N GLY A 268 36.54 14.26 7.10
CA GLY A 268 35.74 13.38 6.26
C GLY A 268 34.59 14.21 5.73
N LYS A 269 33.93 13.76 4.67
CA LYS A 269 32.82 14.53 4.13
C LYS A 269 31.44 14.13 4.65
N LEU A 270 31.18 12.83 4.71
CA LEU A 270 29.88 12.35 5.15
C LEU A 270 29.49 12.78 6.56
N ARG A 271 28.21 13.07 6.74
CA ARG A 271 27.67 13.46 8.04
C ARG A 271 27.50 12.20 8.88
N LEU A 272 27.98 12.23 10.12
CA LEU A 272 27.88 11.07 11.00
C LEU A 272 26.46 10.61 11.26
N LEU A 273 25.58 11.56 11.54
CA LEU A 273 24.21 11.23 11.87
C LEU A 273 23.23 10.96 10.74
N TYR A 274 23.39 11.64 9.60
CA TYR A 274 22.48 11.46 8.47
C TYR A 274 22.89 10.43 7.43
N GLU A 275 24.18 10.09 7.41
CA GLU A 275 24.69 9.15 6.43
C GLU A 275 25.44 7.95 7.00
N CYS A 276 26.45 8.21 7.83
CA CYS A 276 27.25 7.13 8.42
C CYS A 276 26.45 6.17 9.32
N ASN A 277 25.78 6.69 10.34
CA ASN A 277 25.02 5.84 11.26
C ASN A 277 23.99 4.92 10.60
N PRO A 278 23.11 5.46 9.74
CA PRO A 278 22.09 4.63 9.07
C PRO A 278 22.73 3.51 8.24
N ALA A 280 25.76 2.30 8.47
CA ALA A 280 26.56 1.38 9.30
C ALA A 280 25.64 0.31 9.90
N PHE A 281 24.45 0.74 10.33
CA PHE A 281 23.46 -0.16 10.93
C PHE A 281 23.09 -1.21 9.88
N LEU A 282 22.79 -0.76 8.67
CA LEU A 282 22.45 -1.67 7.59
C LEU A 282 23.61 -2.60 7.25
N ALA A 283 24.81 -2.05 7.15
CA ALA A 283 25.98 -2.85 6.84
C ALA A 283 26.20 -3.96 7.86
N GLU A 284 26.08 -3.64 9.14
CA GLU A 284 26.28 -4.63 10.19
C GLU A 284 25.20 -5.71 10.14
N GLN A 285 23.96 -5.30 9.91
CA GLN A 285 22.86 -6.25 9.85
C GLN A 285 22.96 -7.17 8.64
N ALA A 286 23.78 -6.78 7.67
CA ALA A 286 23.98 -7.58 6.47
C ALA A 286 25.26 -8.42 6.60
N GLY A 287 25.87 -8.40 7.78
CA GLY A 287 27.08 -9.18 7.99
C GLY A 287 28.36 -8.45 7.64
N GLY A 288 28.26 -7.14 7.42
CA GLY A 288 29.42 -6.35 7.07
C GLY A 288 29.96 -5.54 8.23
N LYS A 289 30.79 -4.55 7.90
CA LYS A 289 31.41 -3.72 8.92
C LYS A 289 31.38 -2.24 8.52
N ALA A 290 31.41 -1.35 9.50
CA ALA A 290 31.41 0.09 9.23
C ALA A 290 32.22 0.81 10.30
N SER A 291 33.32 1.44 9.91
CA SER A 291 34.13 2.15 10.88
C SER A 291 34.67 3.45 10.32
N ASP A 292 35.31 4.25 11.17
CA ASP A 292 35.87 5.51 10.72
C ASP A 292 37.35 5.29 10.45
N GLY A 293 37.75 4.03 10.46
CA GLY A 293 39.15 3.70 10.22
C GLY A 293 39.82 3.23 11.50
N LYS A 294 39.23 3.59 12.64
CA LYS A 294 39.80 3.21 13.93
C LYS A 294 38.76 2.72 14.93
N GLU A 295 37.53 3.20 14.80
CA GLU A 295 36.50 2.74 15.71
C GLU A 295 35.15 2.51 15.04
N ARG A 296 34.34 1.70 15.70
CA ARG A 296 33.01 1.34 15.21
C ARG A 296 32.14 2.59 15.10
N ILE A 297 31.63 2.85 13.91
CA ILE A 297 30.79 4.02 13.67
C ILE A 297 29.62 4.13 14.65
N LEU A 298 28.90 3.03 14.84
CA LEU A 298 27.74 3.04 15.72
C LEU A 298 28.03 3.34 17.19
N ASP A 299 29.29 3.24 17.62
CA ASP A 299 29.61 3.52 19.01
C ASP A 299 30.14 4.93 19.25
N ILE A 300 30.32 5.69 18.16
CA ILE A 300 30.80 7.05 18.31
C ILE A 300 29.69 7.88 18.95
N ILE A 301 30.04 8.64 19.98
CA ILE A 301 29.08 9.49 20.67
C ILE A 301 29.10 10.84 19.96
N PRO A 302 28.03 11.18 19.25
CA PRO A 302 27.99 12.46 18.54
C PRO A 302 28.08 13.70 19.42
N GLU A 303 28.67 14.75 18.86
CA GLU A 303 28.85 16.02 19.57
C GLU A 303 28.03 17.15 18.96
N THR A 304 27.84 17.12 17.65
CA THR A 304 27.06 18.15 16.96
C THR A 304 26.18 17.53 15.88
N LEU A 305 25.13 18.24 15.48
CA LEU A 305 24.19 17.76 14.46
C LEU A 305 24.79 17.57 13.09
N HIS A 306 25.78 18.38 12.73
CA HIS A 306 26.37 18.24 11.41
C HIS A 306 27.80 17.73 11.44
N GLN A 307 28.12 17.03 12.52
CA GLN A 307 29.44 16.45 12.70
C GLN A 307 29.72 15.51 11.52
N ARG A 308 30.94 15.57 10.99
CA ARG A 308 31.34 14.74 9.87
C ARG A 308 32.25 13.62 10.37
N ARG A 309 32.46 12.61 9.53
CA ARG A 309 33.32 11.50 9.94
C ARG A 309 33.81 10.68 8.76
N SER A 310 35.03 10.17 8.86
CA SER A 310 35.59 9.30 7.83
C SER A 310 34.70 8.07 7.87
N PHE A 311 34.53 7.43 6.73
CA PHE A 311 33.64 6.29 6.67
C PHE A 311 34.16 5.21 5.73
N PHE A 312 34.23 3.98 6.24
CA PHE A 312 34.67 2.83 5.46
C PHE A 312 33.64 1.76 5.78
N VAL A 313 32.90 1.33 4.77
CA VAL A 313 31.84 0.36 4.99
C VAL A 313 31.69 -0.66 3.86
N GLY A 314 31.35 -1.89 4.24
CA GLY A 314 31.18 -2.94 3.25
C GLY A 314 31.57 -4.30 3.80
N ASN A 315 32.10 -5.16 2.95
CA ASN A 315 32.51 -6.49 3.38
C ASN A 315 33.47 -6.40 4.57
N ASP A 316 33.29 -7.28 5.55
CA ASP A 316 34.15 -7.24 6.73
C ASP A 316 35.65 -7.33 6.44
N HIS A 317 36.07 -8.29 5.62
CA HIS A 317 37.49 -8.44 5.33
C HIS A 317 38.11 -7.20 4.68
N VAL A 319 36.99 -3.91 5.03
CA VAL A 319 37.07 -2.84 6.02
C VAL A 319 38.22 -3.13 6.99
N GLU A 320 38.39 -4.40 7.34
CA GLU A 320 39.48 -4.76 8.24
C GLU A 320 40.83 -4.46 7.59
N ASP A 321 40.93 -4.65 6.27
CA ASP A 321 42.18 -4.33 5.57
C ASP A 321 42.49 -2.84 5.72
N VAL A 322 41.49 -2.00 5.49
CA VAL A 322 41.67 -0.55 5.60
C VAL A 322 42.13 -0.19 7.01
N GLU A 323 41.48 -0.78 8.02
CA GLU A 323 41.85 -0.51 9.41
C GLU A 323 43.30 -0.94 9.65
N ARG A 324 43.69 -2.06 9.06
CA ARG A 324 45.06 -2.56 9.22
C ARG A 324 46.07 -1.57 8.63
N PHE A 325 45.84 -1.13 7.40
CA PHE A 325 46.78 -0.19 6.78
C PHE A 325 46.81 1.15 7.50
N ILE A 326 45.69 1.60 8.03
CA ILE A 326 45.65 2.87 8.75
C ILE A 326 46.47 2.72 10.04
N ARG A 327 46.35 1.58 10.71
CA ARG A 327 47.09 1.32 11.94
C ARG A 327 48.58 1.25 11.64
N GLU A 328 48.94 0.44 10.65
CA GLU A 328 50.34 0.22 10.29
C GLU A 328 51.05 1.37 9.59
N PHE A 329 50.30 2.30 9.02
CA PHE A 329 50.89 3.45 8.34
C PHE A 329 50.21 4.73 8.79
N PRO A 330 50.44 5.11 10.06
CA PRO A 330 49.84 6.33 10.64
C PRO A 330 50.21 7.61 9.90
N ASP A 331 49.44 8.65 10.16
CA ASP A 331 49.67 9.95 9.53
C ASP A 331 50.38 10.89 10.51
N ALA A 332 51.37 11.62 9.99
CA ALA A 332 52.13 12.55 10.83
C ALA A 332 51.28 13.77 11.18
N LYS B 2 -5.20 11.55 1.53
CA LYS B 2 -5.19 10.38 2.40
C LYS B 2 -5.38 9.11 1.59
N THR B 3 -4.50 8.13 1.82
CA THR B 3 -4.56 6.87 1.10
C THR B 3 -5.53 5.89 1.76
N LEU B 4 -5.95 4.88 1.00
CA LEU B 4 -6.86 3.87 1.53
C LEU B 4 -6.17 3.12 2.66
N GLY B 5 -4.88 2.85 2.50
CA GLY B 5 -4.14 2.14 3.53
C GLY B 5 -4.18 2.88 4.86
N GLU B 6 -4.01 4.19 4.82
CA GLU B 6 -4.04 5.02 6.02
C GLU B 6 -5.45 5.08 6.58
N PHE B 7 -6.41 5.26 5.68
CA PHE B 7 -7.82 5.34 6.07
C PHE B 7 -8.26 4.11 6.83
N ILE B 8 -7.92 2.93 6.31
CA ILE B 8 -8.28 1.67 6.95
C ILE B 8 -7.74 1.59 8.37
N VAL B 9 -6.48 1.99 8.57
CA VAL B 9 -5.87 1.95 9.89
C VAL B 9 -6.53 2.95 10.84
N GLU B 10 -6.83 4.15 10.35
CA GLU B 10 -7.49 5.15 11.18
C GLU B 10 -8.82 4.60 11.69
N LYS B 11 -9.58 3.97 10.80
CA LYS B 11 -10.86 3.38 11.18
C LYS B 11 -10.68 2.30 12.24
N GLN B 12 -9.66 1.47 12.07
CA GLN B 12 -9.42 0.41 13.04
C GLN B 12 -9.26 0.97 14.46
N HIS B 13 -8.52 2.05 14.61
CA HIS B 13 -8.31 2.64 15.92
C HIS B 13 -9.51 3.34 16.55
N GLU B 14 -10.65 3.34 15.86
CA GLU B 14 -11.86 3.94 16.43
C GLU B 14 -12.50 2.86 17.30
N PHE B 15 -11.99 1.65 17.20
CA PHE B 15 -12.49 0.51 17.98
C PHE B 15 -11.43 0.03 18.95
N SER B 16 -11.66 0.24 20.24
CA SER B 16 -10.70 -0.16 21.27
C SER B 16 -10.38 -1.66 21.25
N HIS B 17 -11.36 -2.48 20.87
CA HIS B 17 -11.16 -3.93 20.83
C HIS B 17 -10.53 -4.49 19.56
N ALA B 18 -10.41 -3.68 18.51
CA ALA B 18 -9.83 -4.14 17.24
C ALA B 18 -8.48 -4.84 17.40
N THR B 19 -8.29 -5.93 16.67
CA THR B 19 -7.04 -6.69 16.73
C THR B 19 -6.24 -6.58 15.44
N GLY B 20 -6.86 -6.00 14.41
CA GLY B 20 -6.17 -5.85 13.15
C GLY B 20 -6.48 -6.94 12.13
N GLU B 21 -7.34 -7.89 12.49
CA GLU B 21 -7.70 -8.97 11.58
C GLU B 21 -8.55 -8.48 10.41
N LEU B 22 -9.55 -7.65 10.68
CA LEU B 22 -10.40 -7.13 9.63
C LEU B 22 -9.58 -6.19 8.73
N THR B 23 -8.67 -5.45 9.36
CA THR B 23 -7.81 -4.52 8.64
C THR B 23 -6.95 -5.30 7.65
N ALA B 24 -6.44 -6.45 8.08
CA ALA B 24 -5.62 -7.26 7.19
C ALA B 24 -6.46 -7.79 6.02
N LEU B 25 -7.75 -8.00 6.28
CA LEU B 25 -8.65 -8.50 5.23
C LEU B 25 -8.94 -7.40 4.21
N LEU B 26 -9.31 -6.23 4.69
CA LEU B 26 -9.62 -5.11 3.82
C LEU B 26 -8.39 -4.72 3.01
N SER B 27 -7.22 -4.84 3.62
CA SER B 27 -5.97 -4.51 2.97
C SER B 27 -5.65 -5.52 1.87
N ALA B 28 -5.96 -6.79 2.11
CA ALA B 28 -5.70 -7.83 1.11
C ALA B 28 -6.63 -7.64 -0.08
N ILE B 29 -7.87 -7.24 0.19
CA ILE B 29 -8.84 -7.01 -0.87
C ILE B 29 -8.41 -5.83 -1.74
N LYS B 30 -7.85 -4.80 -1.10
CA LYS B 30 -7.39 -3.62 -1.83
C LYS B 30 -6.22 -4.00 -2.75
N LEU B 31 -5.31 -4.84 -2.25
CA LEU B 31 -4.18 -5.29 -3.05
C LEU B 31 -4.71 -6.08 -4.24
N GLY B 32 -5.69 -6.93 -3.98
CA GLY B 32 -6.27 -7.73 -5.04
C GLY B 32 -6.89 -6.85 -6.11
N ALA B 33 -7.45 -5.72 -5.69
CA ALA B 33 -8.05 -4.79 -6.63
C ALA B 33 -6.98 -4.26 -7.57
N LYS B 34 -5.80 -3.96 -7.02
CA LYS B 34 -4.69 -3.46 -7.80
C LYS B 34 -4.21 -4.49 -8.83
N ILE B 35 -4.21 -5.75 -8.42
CA ILE B 35 -3.78 -6.83 -9.29
C ILE B 35 -4.75 -6.98 -10.46
N ILE B 36 -6.04 -6.93 -10.16
CA ILE B 36 -7.06 -7.04 -11.20
C ILE B 36 -7.01 -5.83 -12.13
N HIS B 37 -6.79 -4.65 -11.55
CA HIS B 37 -6.69 -3.43 -12.35
C HIS B 37 -5.58 -3.60 -13.39
N ARG B 38 -4.45 -4.15 -12.95
CA ARG B 38 -3.31 -4.38 -13.83
C ARG B 38 -3.67 -5.32 -14.97
N ASP B 39 -4.15 -6.50 -14.63
CA ASP B 39 -4.53 -7.49 -15.63
C ASP B 39 -5.54 -6.93 -16.62
N ILE B 40 -6.53 -6.19 -16.14
CA ILE B 40 -7.56 -5.63 -17.02
C ILE B 40 -7.01 -4.56 -17.95
N ASN B 41 -6.19 -3.65 -17.44
CA ASN B 41 -5.63 -2.60 -18.28
C ASN B 41 -4.71 -3.18 -19.34
N LYS B 42 -4.41 -4.47 -19.22
CA LYS B 42 -3.56 -5.17 -20.18
C LYS B 42 -4.41 -6.15 -20.98
N ALA B 43 -5.49 -5.63 -21.55
CA ALA B 43 -6.42 -6.43 -22.35
C ALA B 43 -5.67 -7.41 -23.25
N GLY B 44 -4.88 -6.86 -24.17
CA GLY B 44 -4.11 -7.69 -25.07
C GLY B 44 -2.81 -7.01 -25.42
N LEU B 45 -2.77 -5.69 -25.22
CA LEU B 45 -1.59 -4.88 -25.50
C LEU B 45 -1.21 -4.89 -26.99
N PHE B 68 -8.34 -15.96 -13.68
CA PHE B 68 -8.18 -14.49 -13.86
C PHE B 68 -8.30 -13.80 -12.50
N ALA B 69 -9.19 -12.82 -12.41
CA ALA B 69 -9.40 -12.08 -11.16
C ALA B 69 -9.81 -13.03 -10.06
N ASN B 70 -10.57 -14.07 -10.41
CA ASN B 70 -11.04 -15.06 -9.47
C ASN B 70 -9.92 -15.85 -8.79
N GLU B 71 -9.04 -16.43 -9.60
CA GLU B 71 -7.92 -17.21 -9.07
C GLU B 71 -6.94 -16.31 -8.33
N LYS B 72 -6.53 -15.22 -8.96
CA LYS B 72 -5.59 -14.28 -8.35
C LYS B 72 -6.07 -13.86 -6.97
N LEU B 73 -7.37 -13.59 -6.86
CA LEU B 73 -7.94 -13.18 -5.58
C LEU B 73 -7.90 -14.30 -4.55
N LYS B 74 -8.33 -15.50 -4.94
CA LYS B 74 -8.33 -16.63 -4.02
C LYS B 74 -6.92 -17.01 -3.61
N ALA B 75 -6.01 -17.09 -4.58
CA ALA B 75 -4.62 -17.44 -4.31
C ALA B 75 -3.99 -16.42 -3.39
N ALA B 76 -4.46 -15.17 -3.48
CA ALA B 76 -3.96 -14.08 -2.66
C ALA B 76 -4.56 -14.12 -1.26
N LEU B 77 -5.88 -14.21 -1.19
CA LEU B 77 -6.60 -14.25 0.09
C LEU B 77 -6.26 -15.50 0.90
N LYS B 78 -5.56 -16.44 0.28
CA LYS B 78 -5.16 -17.66 0.96
C LYS B 78 -3.68 -17.53 1.31
N ALA B 79 -2.96 -16.78 0.48
CA ALA B 79 -1.53 -16.56 0.66
C ALA B 79 -1.14 -16.14 2.07
N ARG B 80 -2.10 -15.61 2.83
CA ARG B 80 -1.81 -15.18 4.19
C ARG B 80 -2.70 -15.80 5.26
N ASP B 81 -3.59 -16.69 4.85
CA ASP B 81 -4.50 -17.33 5.80
C ASP B 81 -5.16 -16.20 6.58
N ILE B 82 -5.95 -15.39 5.88
CA ILE B 82 -6.61 -14.24 6.50
C ILE B 82 -8.12 -14.37 6.57
N VAL B 83 -8.66 -15.45 6.01
CA VAL B 83 -10.11 -15.68 6.03
C VAL B 83 -10.43 -17.12 6.38
N ALA B 84 -11.56 -17.32 7.05
CA ALA B 84 -11.97 -18.67 7.43
C ALA B 84 -12.38 -19.44 6.18
N GLY B 85 -12.97 -18.73 5.22
CA GLY B 85 -13.39 -19.36 3.99
C GLY B 85 -13.90 -18.33 3.00
N ILE B 86 -14.04 -18.72 1.74
CA ILE B 86 -14.51 -17.83 0.70
C ILE B 86 -15.48 -18.52 -0.24
N ALA B 87 -16.57 -17.83 -0.56
CA ALA B 87 -17.58 -18.32 -1.49
C ALA B 87 -17.54 -17.32 -2.64
N SER B 88 -17.45 -17.82 -3.86
CA SER B 88 -17.35 -16.93 -5.00
C SER B 88 -18.18 -17.35 -6.21
N GLU B 89 -18.52 -16.35 -7.03
CA GLU B 89 -19.27 -16.58 -8.26
C GLU B 89 -18.25 -16.44 -9.37
N GLU B 90 -18.00 -17.53 -10.10
CA GLU B 90 -17.04 -17.49 -11.19
C GLU B 90 -17.62 -18.13 -12.45
N GLU B 91 -17.88 -17.30 -13.45
CA GLU B 91 -18.44 -17.77 -14.71
C GLU B 91 -19.74 -18.55 -14.48
N ASP B 92 -20.67 -17.92 -13.76
CA ASP B 92 -21.97 -18.51 -13.45
C ASP B 92 -21.84 -19.74 -12.55
N GLU B 93 -20.64 -20.01 -12.06
CA GLU B 93 -20.40 -21.15 -11.19
C GLU B 93 -20.02 -20.67 -9.80
N ILE B 94 -20.56 -21.32 -8.77
CA ILE B 94 -20.28 -20.96 -7.40
C ILE B 94 -19.23 -21.88 -6.80
N VAL B 95 -18.15 -21.30 -6.30
CA VAL B 95 -17.06 -22.07 -5.71
C VAL B 95 -16.82 -21.69 -4.25
N VAL B 96 -16.56 -22.70 -3.42
CA VAL B 96 -16.30 -22.48 -2.01
C VAL B 96 -14.87 -22.91 -1.70
N PHE B 97 -14.14 -22.06 -0.99
CA PHE B 97 -12.75 -22.32 -0.63
C PHE B 97 -12.59 -22.30 0.89
N GLU B 98 -11.83 -23.25 1.41
CA GLU B 98 -11.58 -23.34 2.85
C GLU B 98 -10.30 -22.60 3.24
N GLY B 99 -10.40 -21.73 4.22
CA GLY B 99 -9.25 -20.97 4.66
C GLY B 99 -8.77 -21.38 6.05
N CYS B 100 -8.20 -20.44 6.78
CA CYS B 100 -7.69 -20.69 8.13
C CYS B 100 -8.84 -20.86 9.13
N GLU B 101 -8.86 -22.01 9.79
CA GLU B 101 -9.89 -22.32 10.78
C GLU B 101 -9.90 -21.35 11.97
N HIS B 102 -8.78 -20.66 12.16
CA HIS B 102 -8.65 -19.71 13.26
C HIS B 102 -9.17 -18.32 12.93
N ALA B 103 -9.53 -18.11 11.67
CA ALA B 103 -10.05 -16.81 11.23
C ALA B 103 -11.52 -16.71 11.62
N LYS B 104 -12.00 -15.50 11.86
CA LYS B 104 -13.40 -15.31 12.23
C LYS B 104 -14.26 -14.66 11.16
N TYR B 105 -13.64 -14.23 10.06
CA TYR B 105 -14.39 -13.61 8.97
C TYR B 105 -14.48 -14.51 7.77
N VAL B 106 -15.60 -14.38 7.06
CA VAL B 106 -15.84 -15.16 5.87
C VAL B 106 -16.10 -14.14 4.76
N VAL B 107 -15.69 -14.47 3.54
CA VAL B 107 -15.87 -13.56 2.42
C VAL B 107 -16.65 -14.15 1.24
N LEU B 108 -17.59 -13.37 0.72
CA LEU B 108 -18.36 -13.78 -0.45
C LEU B 108 -17.99 -12.75 -1.52
N ASP B 110 -17.56 -11.56 -6.01
CA ASP B 110 -17.83 -11.61 -7.44
C ASP B 110 -16.56 -10.96 -8.00
N PRO B 111 -15.50 -11.76 -8.15
CA PRO B 111 -14.21 -11.29 -8.66
C PRO B 111 -14.30 -10.48 -9.95
N LEU B 112 -15.19 -10.88 -10.83
CA LEU B 112 -15.37 -10.17 -12.08
C LEU B 112 -16.85 -10.06 -12.38
N ASP B 113 -17.36 -8.85 -12.26
CA ASP B 113 -18.78 -8.58 -12.51
C ASP B 113 -18.90 -7.92 -13.87
N GLY B 114 -19.63 -8.57 -14.78
CA GLY B 114 -19.81 -8.06 -16.13
C GLY B 114 -18.65 -8.53 -16.98
N SER B 115 -18.09 -9.69 -16.61
CA SER B 115 -16.94 -10.28 -17.28
C SER B 115 -16.88 -10.16 -18.80
N SER B 116 -18.01 -10.39 -19.47
CA SER B 116 -18.06 -10.31 -20.93
C SER B 116 -17.67 -8.91 -21.44
N ASN B 117 -17.81 -7.91 -20.56
CA ASN B 117 -17.46 -6.54 -20.93
C ASN B 117 -15.95 -6.41 -21.12
N ILE B 118 -15.19 -7.33 -20.54
CA ILE B 118 -13.73 -7.28 -20.66
C ILE B 118 -13.28 -7.29 -22.12
N ASP B 119 -13.84 -8.21 -22.90
CA ASP B 119 -13.48 -8.34 -24.31
C ASP B 119 -13.78 -7.13 -25.17
N VAL B 120 -14.63 -6.23 -24.69
CA VAL B 120 -14.98 -5.06 -25.48
C VAL B 120 -14.50 -3.73 -24.88
N ASN B 121 -13.52 -3.82 -23.99
CA ASN B 121 -12.92 -2.66 -23.37
C ASN B 121 -13.94 -1.78 -22.62
N VAL B 122 -15.01 -2.41 -22.12
CA VAL B 122 -16.06 -1.71 -21.40
C VAL B 122 -15.89 -1.88 -19.88
N SER B 123 -16.51 -1.01 -19.10
CA SER B 123 -16.43 -1.07 -17.64
C SER B 123 -16.81 -2.42 -17.04
N VAL B 124 -16.04 -2.86 -16.05
CA VAL B 124 -16.30 -4.10 -15.35
C VAL B 124 -16.00 -3.81 -13.88
N GLY B 125 -16.31 -4.75 -12.99
CA GLY B 125 -16.03 -4.49 -11.60
C GLY B 125 -15.85 -5.74 -10.76
N THR B 126 -15.58 -5.51 -9.48
CA THR B 126 -15.40 -6.57 -8.50
C THR B 126 -16.31 -6.24 -7.32
N ILE B 127 -16.94 -7.26 -6.74
CA ILE B 127 -17.81 -7.05 -5.60
C ILE B 127 -17.36 -7.96 -4.46
N PHE B 128 -17.37 -7.44 -3.23
CA PHE B 128 -17.01 -8.26 -2.09
C PHE B 128 -17.95 -7.99 -0.94
N SER B 129 -18.15 -8.99 -0.10
CA SER B 129 -19.03 -8.91 1.06
C SER B 129 -18.33 -9.67 2.18
N ILE B 130 -18.33 -9.12 3.38
CA ILE B 130 -17.69 -9.77 4.50
C ILE B 130 -18.67 -10.02 5.65
N TYR B 131 -18.54 -11.20 6.27
CA TYR B 131 -19.38 -11.59 7.39
C TYR B 131 -18.51 -12.18 8.49
N ARG B 132 -18.95 -12.03 9.74
CA ARG B 132 -18.24 -12.64 10.86
C ARG B 132 -18.87 -14.03 10.87
N ARG B 133 -18.06 -15.08 10.96
CA ARG B 133 -18.61 -16.44 10.96
C ARG B 133 -19.53 -16.67 12.17
N VAL B 134 -20.41 -17.65 12.06
CA VAL B 134 -21.32 -17.99 13.14
C VAL B 134 -20.82 -19.25 13.85
N THR B 135 -20.03 -20.04 13.14
CA THR B 135 -19.47 -21.26 13.71
C THR B 135 -18.30 -20.88 14.61
N PRO B 136 -18.00 -21.68 15.63
CA PRO B 136 -16.90 -21.39 16.55
C PRO B 136 -15.53 -21.35 15.90
N VAL B 137 -14.72 -20.35 16.26
CA VAL B 137 -13.38 -20.20 15.73
C VAL B 137 -12.55 -21.43 16.11
N GLY B 138 -11.67 -21.87 15.21
CA GLY B 138 -10.86 -23.03 15.49
C GLY B 138 -11.42 -24.28 14.84
N THR B 139 -12.60 -24.15 14.24
CA THR B 139 -13.24 -25.28 13.57
C THR B 139 -13.43 -24.94 12.09
N PRO B 140 -13.78 -25.94 11.27
CA PRO B 140 -13.99 -25.70 9.85
C PRO B 140 -15.28 -24.94 9.58
N VAL B 141 -15.28 -24.06 8.60
CA VAL B 141 -16.47 -23.28 8.28
C VAL B 141 -17.50 -24.17 7.58
N THR B 142 -18.77 -23.82 7.75
CA THR B 142 -19.85 -24.58 7.13
C THR B 142 -20.65 -23.62 6.25
N GLU B 143 -21.61 -24.14 5.51
CA GLU B 143 -22.43 -23.31 4.64
C GLU B 143 -23.23 -22.28 5.43
N GLU B 144 -23.48 -22.59 6.69
CA GLU B 144 -24.25 -21.68 7.54
C GLU B 144 -23.52 -20.35 7.69
N ASP B 145 -22.19 -20.39 7.64
CA ASP B 145 -21.39 -19.17 7.76
C ASP B 145 -21.57 -18.27 6.54
N PHE B 146 -21.99 -18.85 5.43
CA PHE B 146 -22.20 -18.09 4.19
C PHE B 146 -23.66 -17.80 3.88
N LEU B 147 -24.57 -18.38 4.66
CA LEU B 147 -26.00 -18.18 4.41
C LEU B 147 -26.68 -17.19 5.34
N GLN B 148 -25.93 -16.25 5.90
CA GLN B 148 -26.53 -15.27 6.80
C GLN B 148 -27.23 -14.16 6.00
N PRO B 149 -28.25 -13.53 6.60
CA PRO B 149 -28.96 -12.46 5.89
C PRO B 149 -28.06 -11.21 5.76
N GLY B 150 -28.28 -10.47 4.69
CA GLY B 150 -27.48 -9.28 4.43
C GLY B 150 -27.29 -8.31 5.59
N ASN B 151 -28.27 -8.25 6.49
CA ASN B 151 -28.16 -7.33 7.62
C ASN B 151 -27.03 -7.69 8.58
N LYS B 152 -26.40 -8.84 8.37
CA LYS B 152 -25.29 -9.27 9.23
C LYS B 152 -23.92 -8.95 8.62
N GLN B 153 -23.90 -8.31 7.46
CA GLN B 153 -22.62 -7.98 6.83
C GLN B 153 -21.78 -7.04 7.67
N VAL B 154 -20.48 -7.32 7.75
CA VAL B 154 -19.55 -6.47 8.47
C VAL B 154 -19.02 -5.42 7.49
N ALA B 155 -18.95 -5.80 6.21
CA ALA B 155 -18.46 -4.88 5.19
C ALA B 155 -18.95 -5.31 3.81
N ALA B 156 -18.98 -4.35 2.89
CA ALA B 156 -19.38 -4.60 1.50
C ALA B 156 -18.72 -3.51 0.68
N GLY B 157 -18.43 -3.80 -0.58
CA GLY B 157 -17.81 -2.79 -1.42
C GLY B 157 -17.59 -3.32 -2.82
N TYR B 158 -17.13 -2.44 -3.70
CA TYR B 158 -16.86 -2.83 -5.06
C TYR B 158 -15.71 -2.03 -5.61
N VAL B 159 -15.16 -2.51 -6.71
CA VAL B 159 -14.10 -1.82 -7.40
C VAL B 159 -14.63 -1.72 -8.83
N VAL B 160 -14.61 -0.52 -9.38
CA VAL B 160 -15.06 -0.32 -10.74
C VAL B 160 -13.84 0.02 -11.59
N TYR B 161 -13.60 -0.80 -12.61
CA TYR B 161 -12.48 -0.58 -13.51
C TYR B 161 -13.06 -0.03 -14.83
N GLY B 162 -13.02 1.30 -14.98
CA GLY B 162 -13.55 1.90 -16.20
C GLY B 162 -12.55 2.85 -16.82
N SER B 163 -13.00 4.00 -17.32
CA SER B 163 -12.10 4.99 -17.90
C SER B 163 -10.96 5.16 -16.90
N SER B 164 -11.33 5.13 -15.61
CA SER B 164 -10.39 5.23 -14.50
C SER B 164 -10.93 4.24 -13.44
N THR B 165 -10.17 4.03 -12.37
CA THR B 165 -10.57 3.09 -11.33
C THR B 165 -10.92 3.71 -9.97
N LEU B 167 -12.54 2.55 -5.85
CA LEU B 167 -12.89 1.50 -4.90
C LEU B 167 -13.87 2.16 -3.93
N VAL B 168 -15.02 1.53 -3.75
CA VAL B 168 -16.07 2.06 -2.87
C VAL B 168 -16.49 0.98 -1.88
N TYR B 169 -16.48 1.30 -0.59
CA TYR B 169 -16.87 0.30 0.40
C TYR B 169 -17.50 0.91 1.64
N THR B 170 -18.05 0.03 2.48
CA THR B 170 -18.69 0.47 3.71
C THR B 170 -18.55 -0.60 4.78
N THR B 171 -18.53 -0.16 6.04
CA THR B 171 -18.47 -1.10 7.16
C THR B 171 -19.59 -0.69 8.12
N GLY B 172 -20.49 0.16 7.62
CA GLY B 172 -21.60 0.60 8.43
C GLY B 172 -21.59 2.05 8.83
N CYS B 173 -20.49 2.74 8.56
CA CYS B 173 -20.42 4.15 8.92
C CYS B 173 -20.22 5.05 7.70
N GLY B 174 -21.00 4.80 6.67
CA GLY B 174 -20.92 5.60 5.46
C GLY B 174 -20.32 4.85 4.28
N VAL B 175 -20.48 5.43 3.10
CA VAL B 175 -19.93 4.85 1.88
C VAL B 175 -18.66 5.62 1.56
N HIS B 176 -17.51 4.97 1.75
CA HIS B 176 -16.21 5.58 1.50
C HIS B 176 -15.80 5.34 0.06
N ALA B 177 -15.55 6.42 -0.68
CA ALA B 177 -15.15 6.32 -2.08
C ALA B 177 -13.71 6.77 -2.27
N PHE B 178 -12.95 5.99 -3.03
CA PHE B 178 -11.54 6.26 -3.29
C PHE B 178 -11.22 6.17 -4.79
N THR B 179 -10.32 7.03 -5.26
CA THR B 179 -9.91 7.00 -6.66
C THR B 179 -8.47 6.49 -6.70
N TYR B 180 -8.18 5.62 -7.66
CA TYR B 180 -6.85 5.05 -7.80
C TYR B 180 -5.93 6.01 -8.55
N ASP B 181 -4.76 6.27 -7.97
CA ASP B 181 -3.76 7.14 -8.60
C ASP B 181 -2.71 6.21 -9.16
N PRO B 182 -2.73 5.97 -10.48
CA PRO B 182 -1.74 5.08 -11.09
C PRO B 182 -0.30 5.58 -10.94
N SER B 183 -0.09 6.89 -10.99
CA SER B 183 1.25 7.44 -10.86
C SER B 183 1.90 7.14 -9.51
N LEU B 184 1.10 6.75 -8.53
CA LEU B 184 1.60 6.44 -7.20
C LEU B 184 1.20 5.04 -6.73
N GLY B 185 0.27 4.42 -7.45
CA GLY B 185 -0.17 3.10 -7.07
C GLY B 185 -0.96 3.07 -5.77
N VAL B 186 -1.66 4.15 -5.47
CA VAL B 186 -2.45 4.22 -4.25
C VAL B 186 -3.87 4.70 -4.51
N PHE B 187 -4.79 4.27 -3.64
CA PHE B 187 -6.17 4.70 -3.73
C PHE B 187 -6.26 5.92 -2.83
N CYS B 188 -6.82 7.01 -3.34
CA CYS B 188 -6.95 8.24 -2.57
C CYS B 188 -8.40 8.51 -2.18
N LEU B 189 -8.59 8.88 -0.92
CA LEU B 189 -9.91 9.19 -0.41
C LEU B 189 -10.55 10.31 -1.22
N CYS B 190 -11.76 10.06 -1.70
CA CYS B 190 -12.53 11.01 -2.50
C CYS B 190 -13.68 11.55 -1.65
N GLN B 191 -14.40 10.65 -0.99
CA GLN B 191 -15.51 11.03 -0.11
C GLN B 191 -15.67 9.99 1.00
N GLU B 192 -15.84 10.45 2.23
CA GLU B 192 -15.99 9.55 3.37
C GLU B 192 -17.41 9.01 3.44
N ARG B 193 -18.38 9.86 3.10
CA ARG B 193 -19.78 9.47 3.14
C ARG B 193 -20.52 9.83 1.86
N ARG B 195 -23.35 9.78 -0.87
CA ARG B 195 -24.79 9.60 -0.79
C ARG B 195 -25.48 9.91 -2.12
N PHE B 196 -26.62 9.26 -2.36
CA PHE B 196 -27.37 9.51 -3.58
C PHE B 196 -27.85 10.95 -3.53
N PRO B 197 -27.98 11.61 -4.70
CA PRO B 197 -28.47 12.99 -4.62
C PRO B 197 -29.94 12.92 -4.18
N GLU B 198 -30.54 14.06 -3.90
CA GLU B 198 -31.94 14.10 -3.44
C GLU B 198 -32.86 13.29 -4.35
N LYS B 199 -32.68 13.43 -5.66
CA LYS B 199 -33.52 12.69 -6.60
C LYS B 199 -32.71 12.08 -7.74
N GLY B 200 -33.31 11.09 -8.42
CA GLY B 200 -32.66 10.43 -9.53
C GLY B 200 -33.51 10.61 -10.78
N LYS B 201 -32.89 10.49 -11.95
CA LYS B 201 -33.64 10.63 -13.20
C LYS B 201 -33.07 9.74 -14.30
N THR B 202 -32.54 8.59 -13.89
CA THR B 202 -31.95 7.62 -14.79
C THR B 202 -32.38 6.22 -14.34
N TYR B 203 -32.83 5.38 -15.27
CA TYR B 203 -33.16 4.01 -14.91
C TYR B 203 -32.29 3.09 -15.76
N SER B 204 -31.86 1.98 -15.16
CA SER B 204 -30.99 1.02 -15.84
C SER B 204 -31.58 -0.38 -15.80
N ILE B 205 -31.91 -0.90 -16.98
CA ILE B 205 -32.50 -2.23 -17.08
C ILE B 205 -32.30 -2.77 -18.49
N ASN B 206 -32.29 -4.10 -18.61
CA ASN B 206 -32.13 -4.74 -19.91
C ASN B 206 -33.53 -5.01 -20.49
N GLU B 207 -34.01 -4.08 -21.30
CA GLU B 207 -35.33 -4.20 -21.92
C GLU B 207 -35.42 -5.35 -22.92
N GLY B 208 -34.27 -5.97 -23.22
CA GLY B 208 -34.27 -7.08 -24.14
C GLY B 208 -35.16 -8.20 -23.61
N ASN B 209 -35.29 -8.27 -22.28
CA ASN B 209 -36.12 -9.31 -21.64
C ASN B 209 -37.49 -8.78 -21.26
N TYR B 210 -37.95 -7.75 -21.95
CA TYR B 210 -39.25 -7.11 -21.69
C TYR B 210 -40.49 -8.01 -21.58
N ILE B 211 -40.67 -8.88 -22.57
CA ILE B 211 -41.83 -9.76 -22.65
C ILE B 211 -42.42 -10.30 -21.35
N LYS B 212 -41.61 -10.96 -20.54
CA LYS B 212 -42.11 -11.50 -19.29
C LYS B 212 -41.73 -10.72 -18.03
N PHE B 213 -41.54 -9.41 -18.17
CA PHE B 213 -41.23 -8.56 -17.02
C PHE B 213 -42.53 -8.55 -16.21
N PRO B 214 -42.44 -8.31 -14.89
CA PRO B 214 -43.72 -8.30 -14.19
C PRO B 214 -44.51 -7.08 -14.66
N ASN B 215 -45.85 -7.14 -14.55
CA ASN B 215 -46.69 -6.04 -15.00
C ASN B 215 -46.30 -4.71 -14.37
N GLY B 216 -45.92 -4.74 -13.09
CA GLY B 216 -45.53 -3.52 -12.40
C GLY B 216 -44.29 -2.87 -12.99
N VAL B 217 -43.33 -3.69 -13.42
CA VAL B 217 -42.11 -3.17 -14.01
C VAL B 217 -42.43 -2.53 -15.37
N LYS B 218 -43.28 -3.19 -16.14
CA LYS B 218 -43.65 -2.63 -17.45
C LYS B 218 -44.33 -1.28 -17.22
N LYS B 219 -45.20 -1.21 -16.22
CA LYS B 219 -45.92 0.02 -15.91
C LYS B 219 -44.95 1.11 -15.44
N TYR B 220 -43.95 0.72 -14.66
CA TYR B 220 -42.97 1.67 -14.16
C TYR B 220 -42.19 2.29 -15.33
N ILE B 221 -41.78 1.44 -16.27
CA ILE B 221 -41.04 1.91 -17.44
C ILE B 221 -41.88 2.95 -18.18
N LYS B 222 -43.20 2.70 -18.26
CA LYS B 222 -44.12 3.64 -18.91
C LYS B 222 -44.06 4.96 -18.17
N PHE B 223 -44.10 4.86 -16.85
CA PHE B 223 -44.04 6.01 -15.96
C PHE B 223 -42.76 6.81 -16.23
N CYS B 224 -41.64 6.10 -16.38
CA CYS B 224 -40.34 6.73 -16.63
C CYS B 224 -40.30 7.49 -17.95
N GLN B 225 -41.12 7.07 -18.90
CA GLN B 225 -41.14 7.69 -20.23
C GLN B 225 -42.16 8.79 -20.45
N GLU B 226 -43.03 9.02 -19.48
CA GLU B 226 -44.03 10.08 -19.61
C GLU B 226 -43.35 11.43 -19.63
N GLU B 227 -43.96 12.40 -20.31
CA GLU B 227 -43.41 13.74 -20.39
C GLU B 227 -43.97 14.54 -19.22
N ASP B 228 -43.10 14.91 -18.29
CA ASP B 228 -43.51 15.68 -17.10
C ASP B 228 -42.30 16.34 -16.45
N LYS B 229 -42.00 17.56 -16.87
CA LYS B 229 -40.87 18.32 -16.35
C LYS B 229 -40.83 18.45 -14.83
N SER B 230 -41.98 18.76 -14.23
CA SER B 230 -42.05 18.93 -12.78
C SER B 230 -41.42 17.79 -12.00
N THR B 231 -41.31 16.61 -12.63
CA THR B 231 -40.70 15.47 -11.95
C THR B 231 -39.50 14.89 -12.72
N ASN B 232 -38.86 15.73 -13.52
CA ASN B 232 -37.68 15.32 -14.30
C ASN B 232 -37.96 14.17 -15.24
N ARG B 233 -39.16 14.10 -15.79
CA ARG B 233 -39.50 13.03 -16.72
C ARG B 233 -39.74 13.61 -18.11
N PRO B 234 -39.47 12.82 -19.16
CA PRO B 234 -38.96 11.45 -19.14
C PRO B 234 -37.55 11.27 -18.60
N TYR B 235 -37.32 10.14 -17.93
CA TYR B 235 -35.99 9.84 -17.39
C TYR B 235 -35.08 9.48 -18.55
N THR B 236 -33.79 9.37 -18.26
CA THR B 236 -32.83 8.98 -19.25
C THR B 236 -32.48 7.53 -18.96
N SER B 237 -32.16 6.77 -19.99
CA SER B 237 -31.84 5.35 -19.80
C SER B 237 -30.35 5.10 -20.02
N ARG B 238 -29.78 4.24 -19.18
CA ARG B 238 -28.37 3.84 -19.26
C ARG B 238 -28.25 2.41 -18.74
N TYR B 239 -27.54 1.55 -19.46
CA TYR B 239 -27.37 0.17 -19.03
C TYR B 239 -26.07 -0.37 -19.61
N ILE B 240 -24.99 -0.18 -18.86
CA ILE B 240 -23.67 -0.61 -19.28
C ILE B 240 -23.53 -2.13 -19.39
N GLY B 241 -24.28 -2.86 -18.58
CA GLY B 241 -24.17 -4.30 -18.64
C GLY B 241 -23.36 -4.83 -17.48
N SER B 242 -22.84 -3.91 -16.66
CA SER B 242 -22.08 -4.30 -15.48
C SER B 242 -22.79 -3.75 -14.25
N LEU B 243 -23.23 -4.64 -13.37
CA LEU B 243 -23.93 -4.23 -12.15
C LEU B 243 -23.13 -3.11 -11.48
N VAL B 244 -21.85 -3.37 -11.23
CA VAL B 244 -20.99 -2.38 -10.58
C VAL B 244 -20.98 -1.02 -11.27
N ALA B 245 -20.73 -1.00 -12.58
CA ALA B 245 -20.66 0.25 -13.31
C ALA B 245 -21.98 1.01 -13.33
N ASP B 246 -23.10 0.30 -13.53
CA ASP B 246 -24.39 0.94 -13.52
C ASP B 246 -24.72 1.43 -12.11
N PHE B 247 -24.44 0.60 -11.11
CA PHE B 247 -24.68 0.98 -9.71
C PHE B 247 -23.85 2.23 -9.37
N HIS B 248 -22.56 2.19 -9.74
CA HIS B 248 -21.64 3.30 -9.50
C HIS B 248 -22.16 4.60 -10.08
N ARG B 249 -22.57 4.56 -11.35
CA ARG B 249 -23.09 5.76 -12.01
C ARG B 249 -24.32 6.30 -11.28
N ASN B 250 -25.28 5.43 -10.98
CA ASN B 250 -26.51 5.86 -10.30
C ASN B 250 -26.26 6.44 -8.90
N LEU B 251 -25.23 5.93 -8.22
CA LEU B 251 -24.91 6.44 -6.89
C LEU B 251 -24.36 7.86 -7.01
N LEU B 252 -23.49 8.08 -8.00
CA LEU B 252 -22.89 9.39 -8.20
C LEU B 252 -23.85 10.43 -8.76
N LYS B 253 -24.72 10.02 -9.69
CA LYS B 253 -25.64 10.95 -10.33
C LYS B 253 -27.11 10.74 -9.98
N GLY B 254 -27.41 9.67 -9.26
CA GLY B 254 -28.78 9.38 -8.92
C GLY B 254 -29.35 8.47 -9.99
N GLY B 255 -30.25 7.56 -9.59
CA GLY B 255 -30.84 6.65 -10.54
C GLY B 255 -31.26 5.35 -9.91
N ILE B 256 -31.77 4.45 -10.75
CA ILE B 256 -32.20 3.16 -10.26
C ILE B 256 -31.80 2.05 -11.22
N TYR B 257 -31.37 0.92 -10.65
CA TYR B 257 -30.98 -0.25 -11.42
C TYR B 257 -32.05 -1.28 -11.18
N LEU B 258 -32.46 -1.97 -12.24
CA LEU B 258 -33.50 -2.98 -12.11
C LEU B 258 -33.17 -4.25 -12.85
N TYR B 259 -33.36 -5.39 -12.18
CA TYR B 259 -33.20 -6.68 -12.81
C TYR B 259 -34.25 -7.59 -12.18
N PRO B 260 -35.46 -7.55 -12.73
CA PRO B 260 -36.62 -8.32 -12.28
C PRO B 260 -36.59 -9.75 -12.80
N SER B 261 -37.68 -10.47 -12.57
CA SER B 261 -37.78 -11.83 -13.05
C SER B 261 -37.97 -11.70 -14.56
N THR B 262 -37.41 -12.62 -15.32
CA THR B 262 -37.54 -12.58 -16.77
C THR B 262 -37.83 -14.00 -17.26
N ALA B 263 -38.02 -14.15 -18.56
CA ALA B 263 -38.30 -15.46 -19.13
C ALA B 263 -37.13 -16.41 -18.83
N SER B 264 -35.91 -15.91 -18.98
CA SER B 264 -34.72 -16.71 -18.75
C SER B 264 -34.38 -16.90 -17.28
N HIS B 265 -34.83 -15.99 -16.43
CA HIS B 265 -34.57 -16.09 -15.00
C HIS B 265 -35.81 -15.76 -14.21
N PRO B 266 -36.69 -16.76 -13.99
CA PRO B 266 -37.95 -16.63 -13.26
C PRO B 266 -37.82 -16.02 -11.87
N ASP B 267 -36.68 -16.20 -11.22
CA ASP B 267 -36.45 -15.66 -9.88
C ASP B 267 -35.43 -14.53 -9.88
N GLY B 268 -35.23 -13.90 -11.04
CA GLY B 268 -34.26 -12.84 -11.15
C GLY B 268 -32.94 -13.46 -11.55
N LYS B 269 -32.00 -12.66 -12.04
CA LYS B 269 -30.71 -13.21 -12.45
C LYS B 269 -29.62 -13.05 -11.39
N LEU B 270 -29.60 -11.90 -10.74
CA LEU B 270 -28.58 -11.61 -9.74
C LEU B 270 -28.59 -12.57 -8.56
N ARG B 271 -27.38 -12.95 -8.13
CA ARG B 271 -27.23 -13.85 -7.00
C ARG B 271 -27.44 -13.03 -5.73
N LEU B 272 -28.31 -13.51 -4.85
CA LEU B 272 -28.62 -12.82 -3.61
C LEU B 272 -27.39 -12.56 -2.74
N LEU B 273 -26.54 -13.56 -2.61
CA LEU B 273 -25.35 -13.48 -1.77
C LEU B 273 -24.14 -12.69 -2.30
N TYR B 274 -23.82 -12.87 -3.57
CA TYR B 274 -22.63 -12.21 -4.14
C TYR B 274 -22.86 -10.87 -4.82
N GLU B 275 -24.11 -10.52 -5.08
CA GLU B 275 -24.40 -9.26 -5.74
C GLU B 275 -25.43 -8.39 -5.03
N CYS B 276 -26.59 -8.98 -4.72
CA CYS B 276 -27.66 -8.23 -4.07
C CYS B 276 -27.33 -7.67 -2.69
N ASN B 277 -27.00 -8.55 -1.75
CA ASN B 277 -26.70 -8.12 -0.39
C ASN B 277 -25.60 -7.05 -0.29
N PRO B 278 -24.44 -7.27 -0.94
CA PRO B 278 -23.37 -6.28 -0.90
C PRO B 278 -23.83 -4.91 -1.39
N ALA B 280 -26.86 -3.82 -1.71
CA ALA B 280 -27.96 -3.30 -0.88
C ALA B 280 -27.37 -2.59 0.33
N PHE B 281 -26.34 -3.18 0.91
CA PHE B 281 -25.66 -2.61 2.07
C PHE B 281 -25.17 -1.21 1.69
N LEU B 282 -24.47 -1.12 0.56
CA LEU B 282 -23.96 0.15 0.06
C LEU B 282 -25.06 1.15 -0.23
N ALA B 283 -26.12 0.70 -0.90
CA ALA B 283 -27.23 1.58 -1.26
C ALA B 283 -27.90 2.19 -0.03
N GLU B 284 -28.20 1.38 0.97
CA GLU B 284 -28.84 1.90 2.18
C GLU B 284 -27.89 2.87 2.88
N GLN B 285 -26.61 2.50 2.98
CA GLN B 285 -25.62 3.36 3.62
C GLN B 285 -25.52 4.72 2.91
N ALA B 286 -25.86 4.74 1.63
CA ALA B 286 -25.80 5.99 0.86
C ALA B 286 -27.15 6.70 0.88
N GLY B 287 -28.09 6.21 1.68
CA GLY B 287 -29.40 6.84 1.76
C GLY B 287 -30.39 6.32 0.75
N GLY B 288 -30.04 5.23 0.07
CA GLY B 288 -30.93 4.66 -0.92
C GLY B 288 -31.73 3.46 -0.42
N LYS B 289 -32.32 2.73 -1.34
CA LYS B 289 -33.13 1.56 -0.98
C LYS B 289 -32.84 0.39 -1.92
N ALA B 290 -33.02 -0.83 -1.41
CA ALA B 290 -32.77 -2.03 -2.20
C ALA B 290 -33.78 -3.12 -1.85
N SER B 291 -34.61 -3.49 -2.82
CA SER B 291 -35.62 -4.52 -2.58
C SER B 291 -35.74 -5.49 -3.74
N ASP B 292 -36.49 -6.57 -3.53
CA ASP B 292 -36.71 -7.55 -4.58
C ASP B 292 -38.03 -7.25 -5.26
N GLY B 293 -38.59 -6.09 -4.94
CA GLY B 293 -39.87 -5.68 -5.51
C GLY B 293 -40.93 -5.58 -4.42
N LYS B 294 -40.75 -6.34 -3.34
CA LYS B 294 -41.70 -6.33 -2.25
C LYS B 294 -41.07 -6.21 -0.87
N GLU B 295 -39.97 -6.92 -0.63
CA GLU B 295 -39.32 -6.84 0.67
C GLU B 295 -37.87 -6.36 0.64
N ARG B 296 -37.38 -5.98 1.80
CA ARG B 296 -36.01 -5.49 1.96
C ARG B 296 -35.00 -6.60 1.71
N ILE B 297 -34.11 -6.39 0.74
CA ILE B 297 -33.09 -7.38 0.40
C ILE B 297 -32.25 -7.84 1.58
N LEU B 298 -31.77 -6.89 2.39
CA LEU B 298 -30.92 -7.23 3.53
C LEU B 298 -31.56 -8.13 4.59
N ASP B 299 -32.89 -8.21 4.61
CA ASP B 299 -33.57 -9.05 5.60
C ASP B 299 -33.96 -10.44 5.11
N ILE B 300 -33.82 -10.69 3.81
CA ILE B 300 -34.16 -12.00 3.27
C ILE B 300 -33.25 -13.06 3.88
N ILE B 301 -33.83 -14.16 4.33
CA ILE B 301 -33.06 -15.25 4.92
C ILE B 301 -32.72 -16.20 3.78
N PRO B 302 -31.44 -16.24 3.39
CA PRO B 302 -31.02 -17.14 2.29
C PRO B 302 -31.22 -18.62 2.59
N GLU B 303 -31.50 -19.37 1.53
CA GLU B 303 -31.74 -20.81 1.63
C GLU B 303 -30.61 -21.61 0.98
N THR B 304 -30.02 -21.06 -0.08
CA THR B 304 -28.92 -21.74 -0.76
C THR B 304 -27.81 -20.78 -1.17
N LEU B 305 -26.64 -21.33 -1.44
CA LEU B 305 -25.50 -20.53 -1.85
C LEU B 305 -25.68 -19.93 -3.25
N HIS B 306 -26.53 -20.55 -4.06
CA HIS B 306 -26.76 -20.08 -5.43
C HIS B 306 -28.04 -19.29 -5.64
N GLN B 307 -28.76 -19.04 -4.55
CA GLN B 307 -30.01 -18.31 -4.64
C GLN B 307 -29.94 -17.01 -5.45
N ARG B 308 -30.95 -16.80 -6.30
CA ARG B 308 -31.03 -15.59 -7.11
C ARG B 308 -32.22 -14.79 -6.58
N ARG B 309 -32.33 -13.52 -6.99
CA ARG B 309 -33.42 -12.69 -6.52
C ARG B 309 -33.65 -11.47 -7.39
N SER B 310 -34.90 -11.00 -7.45
CA SER B 310 -35.21 -9.80 -8.21
C SER B 310 -34.49 -8.68 -7.48
N PHE B 311 -34.06 -7.66 -8.22
CA PHE B 311 -33.32 -6.58 -7.59
C PHE B 311 -33.63 -5.20 -8.15
N PHE B 312 -34.02 -4.30 -7.25
CA PHE B 312 -34.34 -2.91 -7.61
C PHE B 312 -33.58 -2.08 -6.58
N VAL B 313 -32.63 -1.27 -7.03
CA VAL B 313 -31.81 -0.49 -6.12
C VAL B 313 -31.43 0.89 -6.64
N GLY B 314 -31.35 1.85 -5.73
CA GLY B 314 -30.98 3.22 -6.09
C GLY B 314 -31.73 4.23 -5.25
N ASN B 315 -31.98 5.42 -5.80
CA ASN B 315 -32.70 6.44 -5.05
C ASN B 315 -33.98 5.86 -4.44
N ASP B 316 -34.25 6.21 -3.18
CA ASP B 316 -35.43 5.68 -2.50
C ASP B 316 -36.78 5.93 -3.20
N HIS B 317 -37.02 7.15 -3.66
CA HIS B 317 -38.29 7.47 -4.31
C HIS B 317 -38.53 6.64 -5.58
N VAL B 319 -37.22 3.46 -6.16
CA VAL B 319 -37.47 2.08 -5.78
C VAL B 319 -38.87 1.96 -5.18
N GLU B 320 -39.31 3.02 -4.51
CA GLU B 320 -40.65 3.02 -3.92
C GLU B 320 -41.70 3.02 -5.03
N ASP B 321 -41.40 3.73 -6.13
CA ASP B 321 -42.32 3.76 -7.26
C ASP B 321 -42.49 2.36 -7.83
N VAL B 322 -41.37 1.65 -8.00
CA VAL B 322 -41.43 0.29 -8.53
C VAL B 322 -42.28 -0.59 -7.63
N GLU B 323 -42.04 -0.51 -6.33
CA GLU B 323 -42.79 -1.31 -5.38
C GLU B 323 -44.28 -0.98 -5.47
N ARG B 324 -44.59 0.29 -5.64
CA ARG B 324 -45.97 0.72 -5.76
C ARG B 324 -46.64 0.15 -7.00
N PHE B 325 -46.02 0.31 -8.16
CA PHE B 325 -46.59 -0.22 -9.39
C PHE B 325 -46.76 -1.73 -9.34
N ILE B 326 -45.85 -2.42 -8.67
CA ILE B 326 -45.95 -3.86 -8.55
C ILE B 326 -47.17 -4.21 -7.69
N ARG B 327 -47.52 -3.31 -6.77
CA ARG B 327 -48.68 -3.51 -5.90
C ARG B 327 -49.97 -3.25 -6.68
N GLU B 328 -50.00 -2.15 -7.43
CA GLU B 328 -51.17 -1.77 -8.20
C GLU B 328 -51.43 -2.69 -9.40
N PHE B 329 -50.38 -3.36 -9.87
CA PHE B 329 -50.50 -4.26 -11.01
C PHE B 329 -49.83 -5.60 -10.78
N PRO B 330 -50.42 -6.43 -9.92
CA PRO B 330 -49.90 -7.76 -9.57
C PRO B 330 -49.83 -8.72 -10.76
N ASP B 331 -49.03 -9.76 -10.61
CA ASP B 331 -48.88 -10.77 -11.65
C ASP B 331 -49.66 -12.02 -11.26
N ALA B 332 -50.35 -12.60 -12.23
CA ALA B 332 -51.15 -13.81 -12.00
C ALA B 332 -50.32 -14.95 -11.44
#